data_5Z9B
#
_entry.id   5Z9B
#
_cell.length_a   61.782
_cell.length_b   68.231
_cell.length_c   102.529
_cell.angle_alpha   90.00
_cell.angle_beta   90.00
_cell.angle_gamma   90.00
#
_symmetry.space_group_name_H-M   'P 21 21 21'
#
loop_
_entity.id
_entity.type
_entity.pdbx_description
1 polymer 'DNA gyrase subunit B'
2 non-polymer 'PHOSPHATE ION'
3 non-polymer (3,4-dichlorophenyl)hydrazine
4 non-polymer 1H-benzimidazol-2-amine
5 water water
#
_entity_poly.entity_id   1
_entity_poly.type   'polypeptide(L)'
_entity_poly.pdbx_seq_one_letter_code
;GLDAVRKRPGMYIGDTDDGTGLHHMVFEVVDNAIDEALAGHCKEIIVTIHADNSVSVQDDGRGIPTGIHPEEGVSAAEVI
MTVLHAGGKFDDNSYKVSGGLHGVGVSVVNALSQKLELVIQREGKIHRQIYEHGVPQAPLAVTGETEKTGTMVRFWPSLE
TFTNVTEFEYEILAKRLRELSFLNSGVSIRLRDKRDGKEDHFHYEGG
;
_entity_poly.pdbx_strand_id   A,B
#
# COMPACT_ATOMS: atom_id res chain seq x y z
N LEU A 2 7.57 2.32 4.45
CA LEU A 2 6.56 3.37 4.08
C LEU A 2 5.16 3.28 4.73
N ASP A 3 4.85 2.17 5.37
CA ASP A 3 3.54 1.99 5.99
C ASP A 3 3.19 3.01 7.08
N ALA A 4 4.20 3.52 7.78
CA ALA A 4 3.95 4.61 8.75
C ALA A 4 3.34 5.85 8.05
N VAL A 5 3.80 6.12 6.84
CA VAL A 5 3.29 7.23 6.01
C VAL A 5 1.86 6.98 5.58
N ARG A 6 1.63 5.80 5.00
CA ARG A 6 0.32 5.40 4.53
C ARG A 6 -0.69 5.47 5.67
N LYS A 7 -0.26 5.07 6.86
CA LYS A 7 -1.09 5.04 8.04
C LYS A 7 -1.65 6.41 8.43
N ARG A 8 -0.84 7.44 8.26
CA ARG A 8 -1.18 8.78 8.71
C ARG A 8 -0.66 9.82 7.72
N PRO A 9 -1.21 9.85 6.49
CA PRO A 9 -0.49 10.69 5.52
C PRO A 9 -0.48 12.19 5.85
N GLY A 10 -1.55 12.68 6.43
CA GLY A 10 -1.64 14.06 6.90
C GLY A 10 -0.52 14.50 7.81
N MET A 11 -0.01 13.58 8.64
CA MET A 11 1.12 13.86 9.50
C MET A 11 2.45 14.08 8.76
N TYR A 12 2.57 13.53 7.56
CA TYR A 12 3.80 13.67 6.79
C TYR A 12 3.70 14.75 5.71
N ILE A 13 2.56 14.85 5.04
CA ILE A 13 2.44 15.71 3.87
C ILE A 13 1.64 16.98 4.11
N GLY A 14 0.82 17.01 5.15
CA GLY A 14 -0.09 18.13 5.40
C GLY A 14 -1.52 17.71 5.07
N ASP A 15 -2.44 18.64 5.22
CA ASP A 15 -3.86 18.33 5.15
C ASP A 15 -4.24 17.77 3.78
N THR A 16 -4.84 16.58 3.80
CA THR A 16 -5.16 15.85 2.59
C THR A 16 -6.55 16.12 2.05
N ASP A 17 -7.29 17.06 2.66
CA ASP A 17 -8.63 17.43 2.19
C ASP A 17 -8.78 18.88 1.67
N ASP A 18 -7.89 19.78 2.05
CA ASP A 18 -7.98 21.19 1.61
C ASP A 18 -7.00 21.65 0.52
N GLY A 19 -6.25 20.71 -0.06
CA GLY A 19 -5.28 21.04 -1.10
C GLY A 19 -3.86 21.32 -0.64
N THR A 20 -3.65 21.47 0.67
CA THR A 20 -2.34 21.76 1.24
C THR A 20 -1.36 20.62 0.95
N GLY A 21 -1.76 19.42 1.36
CA GLY A 21 -0.95 18.23 1.15
C GLY A 21 -0.72 17.97 -0.32
N LEU A 22 -1.78 18.09 -1.12
CA LEU A 22 -1.69 17.85 -2.55
C LEU A 22 -0.55 18.66 -3.16
N HIS A 23 -0.52 19.96 -2.88
CA HIS A 23 0.49 20.83 -3.44
C HIS A 23 1.87 20.68 -2.84
N HIS A 24 1.90 20.32 -1.56
CA HIS A 24 3.16 20.02 -0.92
C HIS A 24 3.89 18.83 -1.59
N MET A 25 3.13 17.90 -2.16
CA MET A 25 3.69 16.77 -2.92
C MET A 25 4.60 17.28 -4.02
N VAL A 26 4.12 18.28 -4.75
CA VAL A 26 4.92 18.92 -5.79
C VAL A 26 6.16 19.63 -5.20
N PHE A 27 5.96 20.35 -4.11
CA PHE A 27 7.05 21.13 -3.52
C PHE A 27 8.19 20.25 -3.02
N GLU A 28 7.87 19.08 -2.46
CA GLU A 28 8.91 18.15 -2.02
C GLU A 28 9.79 17.68 -3.19
N VAL A 29 9.17 17.37 -4.32
CA VAL A 29 9.90 16.93 -5.50
C VAL A 29 10.78 18.08 -6.01
N VAL A 30 10.18 19.27 -6.10
CA VAL A 30 10.91 20.45 -6.54
C VAL A 30 12.17 20.74 -5.72
N ASP A 31 12.08 20.61 -4.39
CA ASP A 31 13.26 20.78 -3.51
C ASP A 31 14.42 19.89 -3.95
N ASN A 32 14.09 18.65 -4.26
CA ASN A 32 15.09 17.68 -4.68
C ASN A 32 15.63 18.00 -6.08
N ALA A 33 14.73 18.43 -6.97
CA ALA A 33 15.12 18.84 -8.31
C ALA A 33 16.05 20.06 -8.29
N ILE A 34 15.72 21.04 -7.44
CA ILE A 34 16.57 22.22 -7.27
C ILE A 34 17.97 21.85 -6.78
N ASP A 35 18.08 21.02 -5.74
CA ASP A 35 19.38 20.48 -5.31
C ASP A 35 20.16 19.88 -6.48
N GLU A 36 19.48 19.06 -7.28
CA GLU A 36 20.11 18.44 -8.46
C GLU A 36 20.57 19.46 -9.48
N ALA A 37 19.70 20.43 -9.77
CA ALA A 37 20.00 21.45 -10.77
C ALA A 37 21.18 22.33 -10.39
N LEU A 38 21.31 22.63 -9.09
CA LEU A 38 22.38 23.46 -8.56
C LEU A 38 23.74 22.89 -8.83
N ALA A 39 23.86 21.59 -8.61
CA ALA A 39 25.11 20.92 -8.82
C ALA A 39 25.44 20.63 -10.30
N GLY A 40 24.61 21.13 -11.22
CA GLY A 40 24.85 20.97 -12.65
C GLY A 40 25.23 22.27 -13.28
N HIS A 41 25.41 22.22 -14.58
CA HIS A 41 25.89 23.37 -15.34
C HIS A 41 24.78 24.29 -15.78
N CYS A 42 23.74 23.72 -16.36
CA CYS A 42 22.69 24.54 -16.98
C CYS A 42 21.66 25.07 -15.99
N LYS A 43 21.43 24.33 -14.90
CA LYS A 43 20.62 24.80 -13.77
C LYS A 43 19.19 25.19 -14.17
N GLU A 44 18.47 24.28 -14.82
CA GLU A 44 17.06 24.49 -15.14
C GLU A 44 16.20 23.35 -14.65
N ILE A 45 15.05 23.71 -14.10
CA ILE A 45 14.01 22.75 -13.82
C ILE A 45 12.72 23.09 -14.53
N ILE A 46 11.96 22.05 -14.84
CA ILE A 46 10.70 22.22 -15.52
C ILE A 46 9.61 21.51 -14.74
N VAL A 47 8.58 22.25 -14.36
CA VAL A 47 7.43 21.69 -13.67
C VAL A 47 6.24 21.74 -14.60
N THR A 48 5.70 20.58 -14.91
CA THR A 48 4.60 20.44 -15.82
C THR A 48 3.38 19.86 -15.14
N ILE A 49 2.26 20.57 -15.28
CA ILE A 49 0.96 20.07 -14.88
C ILE A 49 0.31 19.43 -16.10
N HIS A 50 0.12 18.13 -16.02
CA HIS A 50 -0.38 17.36 -17.14
C HIS A 50 -1.90 17.37 -17.15
N ALA A 51 -2.46 17.06 -18.30
CA ALA A 51 -3.90 17.13 -18.51
C ALA A 51 -4.66 16.09 -17.68
N ASP A 52 -4.02 14.95 -17.43
CA ASP A 52 -4.60 13.91 -16.59
C ASP A 52 -4.40 14.12 -15.09
N ASN A 53 -4.13 15.36 -14.65
CA ASN A 53 -3.97 15.66 -13.24
C ASN A 53 -2.74 15.02 -12.57
N SER A 54 -1.70 14.75 -13.36
CA SER A 54 -0.40 14.41 -12.80
C SER A 54 0.51 15.60 -12.97
N VAL A 55 1.61 15.59 -12.22
CA VAL A 55 2.66 16.59 -12.35
C VAL A 55 3.99 15.92 -12.61
N SER A 56 4.78 16.50 -13.52
CA SER A 56 6.18 16.11 -13.67
C SER A 56 7.14 17.22 -13.34
N VAL A 57 8.30 16.82 -12.84
CA VAL A 57 9.37 17.73 -12.51
C VAL A 57 10.62 17.16 -13.14
N GLN A 58 11.29 17.97 -13.95
N GLN A 58 11.22 17.90 -14.06
CA GLN A 58 12.49 17.56 -14.67
CA GLN A 58 12.51 17.54 -14.65
C GLN A 58 13.61 18.47 -14.23
C GLN A 58 13.61 18.46 -14.18
N ASP A 59 14.75 17.89 -13.86
CA ASP A 59 15.99 18.68 -13.71
C ASP A 59 16.99 18.28 -14.80
N ASP A 60 17.95 19.15 -15.02
CA ASP A 60 19.07 18.85 -15.91
C ASP A 60 20.37 18.60 -15.15
N GLY A 61 20.27 18.07 -13.94
CA GLY A 61 21.45 17.77 -13.12
C GLY A 61 22.19 16.54 -13.60
N ARG A 62 22.92 15.91 -12.69
CA ARG A 62 23.77 14.77 -13.03
C ARG A 62 23.06 13.44 -13.04
N GLY A 63 21.80 13.41 -12.65
CA GLY A 63 21.10 12.16 -12.45
C GLY A 63 21.42 11.62 -11.07
N ILE A 64 20.39 11.23 -10.34
CA ILE A 64 20.61 10.63 -9.02
C ILE A 64 21.26 9.24 -9.18
N PRO A 65 22.00 8.78 -8.14
CA PRO A 65 22.78 7.56 -8.37
C PRO A 65 21.93 6.34 -8.63
N THR A 66 22.46 5.45 -9.46
CA THR A 66 21.72 4.28 -9.94
C THR A 66 22.29 2.94 -9.43
N GLY A 67 23.54 2.93 -8.99
CA GLY A 67 24.20 1.72 -8.53
C GLY A 67 23.60 1.13 -7.29
N ILE A 68 23.87 -0.15 -7.08
CA ILE A 68 23.27 -0.90 -5.99
C ILE A 68 23.78 -0.37 -4.67
N HIS A 69 22.83 -0.12 -3.78
CA HIS A 69 23.12 0.30 -2.45
C HIS A 69 23.64 -0.91 -1.67
N PRO A 70 24.90 -0.82 -1.20
CA PRO A 70 25.54 -1.97 -0.55
C PRO A 70 24.74 -2.57 0.61
N GLU A 71 24.18 -1.71 1.45
CA GLU A 71 23.38 -2.17 2.58
C GLU A 71 21.98 -2.68 2.20
N GLU A 72 21.24 -1.93 1.40
CA GLU A 72 19.85 -2.27 1.07
C GLU A 72 19.72 -3.29 -0.02
N GLY A 73 20.74 -3.44 -0.85
CA GLY A 73 20.72 -4.46 -1.90
C GLY A 73 19.83 -4.17 -3.10
N VAL A 74 19.46 -2.90 -3.28
CA VAL A 74 18.72 -2.46 -4.47
C VAL A 74 19.32 -1.15 -4.91
N SER A 75 18.95 -0.68 -6.09
CA SER A 75 19.51 0.58 -6.58
C SER A 75 19.30 1.72 -5.58
N ALA A 76 20.29 2.60 -5.52
CA ALA A 76 20.27 3.77 -4.64
C ALA A 76 19.07 4.63 -4.89
N ALA A 77 18.67 4.74 -6.15
CA ALA A 77 17.44 5.43 -6.53
C ALA A 77 16.22 4.83 -5.85
N GLU A 78 16.15 3.50 -5.78
CA GLU A 78 15.03 2.84 -5.11
C GLU A 78 15.04 3.07 -3.60
N VAL A 79 16.23 3.11 -3.01
CA VAL A 79 16.38 3.45 -1.58
C VAL A 79 15.78 4.84 -1.29
N ILE A 80 16.16 5.80 -2.11
CA ILE A 80 15.59 7.15 -2.04
C ILE A 80 14.07 7.18 -2.12
N MET A 81 13.53 6.40 -3.05
CA MET A 81 12.11 6.38 -3.30
C MET A 81 11.31 5.63 -2.26
N THR A 82 11.96 4.75 -1.51
CA THR A 82 11.25 3.82 -0.62
C THR A 82 11.66 3.79 0.84
N VAL A 83 12.70 4.54 1.22
CA VAL A 83 13.14 4.58 2.62
C VAL A 83 12.93 5.98 3.19
N LEU A 84 12.33 6.03 4.38
CA LEU A 84 12.16 7.27 5.12
C LEU A 84 13.46 7.86 5.67
N HIS A 85 13.66 9.15 5.42
CA HIS A 85 14.88 9.87 5.81
C HIS A 85 14.70 10.61 7.13
N GLY A 103 12.24 19.25 5.26
CA GLY A 103 11.56 18.44 4.25
C GLY A 103 11.41 16.99 4.64
N VAL A 104 10.32 16.38 4.16
CA VAL A 104 9.96 14.99 4.50
C VAL A 104 10.56 13.89 3.59
N GLY A 105 11.08 14.29 2.43
CA GLY A 105 11.65 13.36 1.46
C GLY A 105 10.67 12.89 0.40
N VAL A 106 11.21 12.59 -0.77
CA VAL A 106 10.38 12.13 -1.87
C VAL A 106 9.76 10.75 -1.68
N SER A 107 10.29 9.95 -0.74
CA SER A 107 9.65 8.68 -0.40
C SER A 107 8.21 8.87 0.07
N VAL A 108 7.94 9.97 0.77
CA VAL A 108 6.58 10.31 1.19
C VAL A 108 5.70 10.51 -0.04
N VAL A 109 6.22 11.29 -0.98
CA VAL A 109 5.51 11.58 -2.23
C VAL A 109 5.14 10.28 -2.95
N ASN A 110 6.11 9.38 -3.07
CA ASN A 110 5.94 8.09 -3.71
C ASN A 110 4.91 7.24 -3.02
N ALA A 111 4.98 7.20 -1.68
CA ALA A 111 4.02 6.45 -0.89
C ALA A 111 2.56 6.86 -1.14
N LEU A 112 2.33 8.14 -1.39
CA LEU A 112 0.98 8.69 -1.59
C LEU A 112 0.63 8.96 -3.03
N SER A 113 1.35 8.32 -3.95
CA SER A 113 1.09 8.43 -5.36
C SER A 113 0.59 7.09 -5.84
N GLN A 114 -0.58 7.09 -6.46
CA GLN A 114 -1.10 5.85 -7.05
C GLN A 114 -0.19 5.34 -8.15
N LYS A 115 0.48 6.26 -8.84
CA LYS A 115 1.55 5.91 -9.75
C LYS A 115 2.64 6.96 -9.72
N LEU A 116 3.88 6.50 -9.88
CA LEU A 116 5.05 7.37 -9.98
C LEU A 116 6.04 6.76 -10.95
N GLU A 117 6.44 7.59 -11.90
CA GLU A 117 7.40 7.22 -12.93
C GLU A 117 8.71 7.99 -12.72
N LEU A 118 9.80 7.25 -12.66
CA LEU A 118 11.14 7.80 -12.51
C LEU A 118 11.96 7.53 -13.76
N VAL A 119 12.58 8.60 -14.26
CA VAL A 119 13.53 8.53 -15.40
C VAL A 119 14.82 9.24 -15.03
N ILE A 120 15.90 8.46 -15.00
CA ILE A 120 17.22 8.99 -14.71
C ILE A 120 18.13 8.83 -15.92
N GLN A 121 18.73 9.96 -16.31
CA GLN A 121 19.71 10.01 -17.39
C GLN A 121 21.06 10.28 -16.77
N ARG A 122 21.92 9.27 -16.84
CA ARG A 122 23.20 9.32 -16.18
C ARG A 122 24.20 8.37 -16.81
N GLU A 123 25.46 8.81 -16.84
CA GLU A 123 26.58 8.00 -17.34
C GLU A 123 26.28 7.37 -18.70
N GLY A 124 25.67 8.16 -19.59
CA GLY A 124 25.37 7.71 -20.94
C GLY A 124 24.15 6.81 -21.10
N LYS A 125 23.39 6.61 -20.02
CA LYS A 125 22.26 5.67 -20.03
C LYS A 125 20.97 6.25 -19.49
N ILE A 126 19.84 5.79 -20.04
CA ILE A 126 18.52 6.13 -19.54
C ILE A 126 18.10 4.98 -18.67
N HIS A 127 17.59 5.29 -17.49
CA HIS A 127 17.05 4.32 -16.56
C HIS A 127 15.63 4.68 -16.23
N ARG A 128 14.79 3.67 -16.17
CA ARG A 128 13.38 3.84 -15.91
C ARG A 128 12.89 2.91 -14.84
N GLN A 129 11.90 3.40 -14.09
CA GLN A 129 11.24 2.60 -13.07
C GLN A 129 9.87 3.15 -12.76
N ILE A 130 8.96 2.25 -12.46
CA ILE A 130 7.58 2.59 -12.16
C ILE A 130 7.28 2.09 -10.73
N TYR A 131 6.59 2.95 -10.00
CA TYR A 131 6.02 2.66 -8.69
C TYR A 131 4.50 2.80 -8.73
N GLU A 132 3.82 2.01 -7.90
CA GLU A 132 2.40 2.19 -7.59
C GLU A 132 2.20 2.13 -6.09
N HIS A 133 1.60 3.19 -5.55
CA HIS A 133 1.45 3.38 -4.09
C HIS A 133 2.74 3.15 -3.33
N GLY A 134 3.85 3.57 -3.92
CA GLY A 134 5.16 3.37 -3.34
C GLY A 134 5.82 2.03 -3.55
N VAL A 135 5.15 1.10 -4.24
CA VAL A 135 5.67 -0.23 -4.50
C VAL A 135 6.33 -0.28 -5.89
N PRO A 136 7.62 -0.62 -5.95
CA PRO A 136 8.28 -0.76 -7.26
C PRO A 136 7.67 -1.92 -8.06
N GLN A 137 7.42 -1.69 -9.34
CA GLN A 137 6.84 -2.72 -10.18
C GLN A 137 7.92 -3.60 -10.77
N ALA A 138 9.12 -3.06 -10.87
CA ALA A 138 10.32 -3.79 -11.27
C ALA A 138 11.57 -3.04 -10.82
N PRO A 139 12.72 -3.71 -10.81
CA PRO A 139 13.97 -3.00 -10.49
C PRO A 139 14.25 -1.91 -11.50
N LEU A 140 14.91 -0.84 -11.05
CA LEU A 140 15.40 0.20 -11.94
C LEU A 140 16.15 -0.46 -13.07
N ALA A 141 15.83 -0.07 -14.30
CA ALA A 141 16.36 -0.74 -15.46
C ALA A 141 16.91 0.21 -16.50
N VAL A 142 18.00 -0.20 -17.16
CA VAL A 142 18.56 0.54 -18.27
C VAL A 142 17.72 0.29 -19.51
N THR A 143 17.21 1.37 -20.10
CA THR A 143 16.34 1.25 -21.27
C THR A 143 16.89 1.87 -22.55
N GLY A 144 18.02 2.55 -22.48
CA GLY A 144 18.59 3.16 -23.66
C GLY A 144 19.84 3.94 -23.36
N GLU A 145 20.33 4.58 -24.41
CA GLU A 145 21.49 5.43 -24.32
C GLU A 145 21.11 6.88 -24.51
N THR A 146 21.92 7.75 -23.94
CA THR A 146 21.67 9.17 -23.99
C THR A 146 22.93 9.96 -23.78
N GLU A 147 22.92 11.17 -24.32
CA GLU A 147 23.98 12.14 -24.11
C GLU A 147 23.72 13.05 -22.92
N LYS A 148 22.45 13.18 -22.55
CA LYS A 148 22.05 14.12 -21.50
C LYS A 148 22.15 13.50 -20.12
N THR A 149 22.04 14.37 -19.12
CA THR A 149 21.91 13.96 -17.74
C THR A 149 20.71 14.62 -17.09
N GLY A 150 20.23 14.00 -16.03
CA GLY A 150 19.10 14.55 -15.30
C GLY A 150 18.21 13.53 -14.68
N THR A 151 17.23 14.06 -13.95
CA THR A 151 16.27 13.25 -13.26
C THR A 151 14.89 13.81 -13.52
N MET A 152 13.96 12.90 -13.78
CA MET A 152 12.59 13.24 -14.06
C MET A 152 11.71 12.34 -13.21
N VAL A 153 10.77 12.96 -12.49
CA VAL A 153 9.73 12.23 -11.79
C VAL A 153 8.39 12.77 -12.23
N ARG A 154 7.48 11.84 -12.55
CA ARG A 154 6.09 12.18 -12.84
C ARG A 154 5.23 11.37 -11.91
N PHE A 155 4.30 12.03 -11.23
CA PHE A 155 3.47 11.34 -10.25
C PHE A 155 1.99 11.68 -10.34
N TRP A 156 1.18 10.66 -10.07
CA TRP A 156 -0.27 10.75 -10.05
C TRP A 156 -0.69 10.64 -8.60
N PRO A 157 -1.17 11.76 -7.99
CA PRO A 157 -1.50 11.60 -6.58
C PRO A 157 -2.62 10.61 -6.34
N SER A 158 -2.52 9.84 -5.25
CA SER A 158 -3.53 8.85 -4.95
C SER A 158 -4.85 9.51 -4.57
N LEU A 159 -5.89 9.23 -5.35
CA LEU A 159 -7.23 9.70 -5.02
C LEU A 159 -7.90 8.94 -3.87
N GLU A 160 -7.22 7.93 -3.32
CA GLU A 160 -7.62 7.33 -2.08
C GLU A 160 -7.22 8.17 -0.90
N THR A 161 -6.16 8.96 -1.05
CA THR A 161 -5.65 9.81 0.02
C THR A 161 -6.17 11.24 -0.10
N PHE A 162 -6.02 11.82 -1.27
CA PHE A 162 -6.33 13.22 -1.48
C PHE A 162 -7.80 13.37 -1.85
N THR A 163 -8.54 14.09 -1.02
CA THR A 163 -9.97 14.28 -1.18
C THR A 163 -10.33 15.74 -1.35
N ASN A 164 -11.54 15.97 -1.85
CA ASN A 164 -12.10 17.31 -2.07
C ASN A 164 -11.32 18.09 -3.14
N VAL A 165 -10.19 18.66 -2.73
CA VAL A 165 -9.26 19.32 -3.64
C VAL A 165 -8.30 18.27 -4.18
N THR A 166 -8.61 17.80 -5.39
CA THR A 166 -7.86 16.73 -6.04
C THR A 166 -7.18 17.18 -7.31
N GLU A 167 -7.32 18.44 -7.67
CA GLU A 167 -6.73 18.96 -8.88
C GLU A 167 -5.75 20.09 -8.55
N PHE A 168 -4.65 20.15 -9.28
CA PHE A 168 -3.61 21.12 -8.99
C PHE A 168 -4.04 22.52 -9.43
N GLU A 169 -3.88 23.47 -8.51
CA GLU A 169 -4.08 24.88 -8.76
C GLU A 169 -2.78 25.56 -9.21
N TYR A 170 -2.84 26.09 -10.43
CA TYR A 170 -1.70 26.72 -11.06
C TYR A 170 -1.07 27.80 -10.20
N GLU A 171 -1.89 28.73 -9.68
CA GLU A 171 -1.37 29.89 -8.99
C GLU A 171 -0.69 29.54 -7.66
N ILE A 172 -1.12 28.44 -7.06
CA ILE A 172 -0.47 27.94 -5.86
C ILE A 172 0.94 27.44 -6.18
N LEU A 173 1.08 26.69 -7.26
CA LEU A 173 2.41 26.27 -7.70
C LEU A 173 3.25 27.47 -8.09
N ALA A 174 2.66 28.37 -8.89
CA ALA A 174 3.37 29.55 -9.39
C ALA A 174 3.88 30.47 -8.29
N LYS A 175 3.05 30.68 -7.27
CA LYS A 175 3.46 31.49 -6.13
C LYS A 175 4.71 30.94 -5.43
N ARG A 176 4.71 29.65 -5.13
CA ARG A 176 5.84 29.02 -4.44
C ARG A 176 7.10 29.00 -5.30
N LEU A 177 6.94 28.67 -6.57
CA LEU A 177 8.07 28.63 -7.47
C LEU A 177 8.75 29.98 -7.62
N ARG A 178 7.96 31.05 -7.60
CA ARG A 178 8.49 32.41 -7.62
C ARG A 178 9.36 32.69 -6.39
N GLU A 179 8.83 32.39 -5.20
CA GLU A 179 9.61 32.53 -3.97
C GLU A 179 10.95 31.77 -4.12
N LEU A 180 10.87 30.53 -4.62
CA LEU A 180 12.06 29.69 -4.75
C LEU A 180 13.09 30.28 -5.72
N SER A 181 12.64 30.93 -6.80
CA SER A 181 13.59 31.50 -7.78
C SER A 181 14.46 32.58 -7.18
N PHE A 182 13.88 33.45 -6.34
CA PHE A 182 14.67 34.45 -5.62
C PHE A 182 15.69 33.82 -4.67
N LEU A 183 15.28 32.75 -4.00
CA LEU A 183 16.12 32.11 -3.02
C LEU A 183 17.24 31.33 -3.70
N ASN A 184 16.94 30.70 -4.82
CA ASN A 184 17.92 29.94 -5.61
C ASN A 184 18.27 30.66 -6.88
N SER A 185 19.05 31.73 -6.71
CA SER A 185 19.51 32.57 -7.81
C SER A 185 20.27 31.76 -8.80
N GLY A 186 20.06 32.08 -10.06
CA GLY A 186 20.72 31.35 -11.14
C GLY A 186 20.09 30.01 -11.46
N VAL A 187 19.06 29.57 -10.73
CA VAL A 187 18.30 28.40 -11.17
C VAL A 187 17.10 28.86 -11.97
N SER A 188 16.99 28.36 -13.19
CA SER A 188 15.85 28.65 -14.03
C SER A 188 14.71 27.69 -13.73
N ILE A 189 13.53 28.24 -13.43
CA ILE A 189 12.34 27.41 -13.18
C ILE A 189 11.24 27.72 -14.17
N ARG A 190 10.87 26.71 -14.95
CA ARG A 190 9.75 26.82 -15.88
C ARG A 190 8.54 26.09 -15.34
N LEU A 191 7.38 26.70 -15.49
CA LEU A 191 6.11 26.09 -15.10
C LEU A 191 5.19 26.05 -16.29
N ARG A 192 4.64 24.86 -16.56
CA ARG A 192 3.75 24.63 -17.71
C ARG A 192 2.48 23.94 -17.29
N ASP A 193 1.35 24.53 -17.68
CA ASP A 193 0.05 23.92 -17.50
C ASP A 193 -0.45 23.45 -18.85
N LYS A 194 -0.50 22.12 -19.01
CA LYS A 194 -0.98 21.54 -20.24
C LYS A 194 -2.51 21.49 -20.34
N ARG A 195 -3.22 21.84 -19.27
CA ARG A 195 -4.68 21.87 -19.32
C ARG A 195 -5.18 23.09 -20.10
N ASP A 196 -4.43 24.18 -20.06
CA ASP A 196 -4.84 25.43 -20.67
C ASP A 196 -3.76 26.25 -21.36
N GLY A 197 -2.59 25.67 -21.57
CA GLY A 197 -1.46 26.37 -22.18
C GLY A 197 -0.77 27.44 -21.34
N LYS A 198 -1.22 27.71 -20.13
CA LYS A 198 -0.56 28.71 -19.31
C LYS A 198 0.87 28.28 -18.97
N GLU A 199 1.77 29.25 -18.93
CA GLU A 199 3.15 29.00 -18.59
C GLU A 199 3.81 30.19 -17.92
N ASP A 200 4.91 29.92 -17.25
CA ASP A 200 5.72 30.94 -16.63
C ASP A 200 7.17 30.53 -16.61
N HIS A 201 8.01 31.52 -16.39
CA HIS A 201 9.41 31.32 -16.32
C HIS A 201 9.99 32.21 -15.23
N PHE A 202 10.38 31.58 -14.13
CA PHE A 202 11.01 32.27 -13.03
C PHE A 202 12.51 32.08 -13.07
N HIS A 203 13.24 33.20 -13.17
N HIS A 203 13.24 33.20 -13.17
CA HIS A 203 14.68 33.18 -13.20
CA HIS A 203 14.69 33.20 -13.22
C HIS A 203 15.15 34.53 -12.70
C HIS A 203 15.16 34.54 -12.70
N TYR A 204 15.76 34.51 -11.52
CA TYR A 204 16.20 35.71 -10.84
C TYR A 204 17.49 36.30 -11.41
N LEU B 2 5.36 -4.52 5.78
CA LEU B 2 4.73 -5.33 4.67
C LEU B 2 5.17 -5.07 3.22
N ASP B 3 5.93 -4.01 2.97
CA ASP B 3 6.37 -3.69 1.60
C ASP B 3 7.14 -4.81 0.90
N ALA B 4 7.83 -5.66 1.65
CA ALA B 4 8.49 -6.81 1.04
C ALA B 4 7.51 -7.79 0.40
N VAL B 5 6.33 -7.93 0.99
CA VAL B 5 5.28 -8.77 0.43
C VAL B 5 4.71 -8.10 -0.82
N ARG B 6 4.40 -6.81 -0.71
CA ARG B 6 3.85 -6.05 -1.82
C ARG B 6 4.77 -6.12 -3.05
N LYS B 7 6.08 -6.00 -2.82
CA LYS B 7 7.08 -6.04 -3.89
C LYS B 7 7.09 -7.35 -4.70
N ARG B 8 6.92 -8.49 -4.03
CA ARG B 8 6.89 -9.79 -4.73
C ARG B 8 5.84 -10.67 -4.09
N PRO B 9 4.55 -10.43 -4.43
CA PRO B 9 3.52 -11.18 -3.72
C PRO B 9 3.59 -12.68 -3.93
N GLY B 10 3.94 -13.08 -5.14
CA GLY B 10 4.10 -14.49 -5.48
C GLY B 10 5.06 -15.29 -4.63
N MET B 11 6.14 -14.69 -4.14
CA MET B 11 7.08 -15.39 -3.25
C MET B 11 6.45 -15.71 -1.89
N TYR B 12 5.36 -15.01 -1.53
CA TYR B 12 4.71 -15.23 -0.24
C TYR B 12 3.42 -16.04 -0.29
N ILE B 13 2.56 -15.76 -1.27
CA ILE B 13 1.24 -16.41 -1.32
C ILE B 13 1.12 -17.56 -2.33
N GLY B 14 2.01 -17.60 -3.32
CA GLY B 14 1.92 -18.60 -4.39
C GLY B 14 1.49 -17.95 -5.68
N ASP B 15 1.05 -18.77 -6.63
CA ASP B 15 0.68 -18.29 -7.97
C ASP B 15 -0.54 -17.38 -7.88
N THR B 16 -0.40 -16.15 -8.35
CA THR B 16 -1.49 -15.17 -8.29
C THR B 16 -2.38 -15.08 -9.53
N ASP B 17 -2.17 -15.98 -10.48
CA ASP B 17 -2.93 -15.98 -11.74
C ASP B 17 -3.83 -17.22 -11.90
N ASP B 18 -3.46 -18.36 -11.33
CA ASP B 18 -4.21 -19.62 -11.55
C ASP B 18 -5.19 -20.02 -10.44
N GLY B 19 -5.39 -19.15 -9.46
CA GLY B 19 -6.34 -19.44 -8.39
C GLY B 19 -5.79 -20.12 -7.16
N THR B 20 -4.58 -20.67 -7.23
CA THR B 20 -4.01 -21.39 -6.08
C THR B 20 -3.66 -20.40 -4.95
N GLY B 21 -3.01 -19.31 -5.32
CA GLY B 21 -2.78 -18.21 -4.38
C GLY B 21 -4.03 -17.66 -3.74
N LEU B 22 -5.05 -17.40 -4.56
CA LEU B 22 -6.33 -16.89 -4.07
C LEU B 22 -6.89 -17.77 -2.95
N HIS B 23 -6.86 -19.08 -3.17
CA HIS B 23 -7.42 -20.03 -2.22
C HIS B 23 -6.54 -20.19 -1.00
N HIS B 24 -5.24 -20.18 -1.22
CA HIS B 24 -4.31 -20.12 -0.09
C HIS B 24 -4.60 -18.97 0.90
N MET B 25 -5.09 -17.83 0.39
CA MET B 25 -5.57 -16.74 1.27
C MET B 25 -6.58 -17.23 2.32
N VAL B 26 -7.60 -17.97 1.88
CA VAL B 26 -8.59 -18.57 2.76
C VAL B 26 -7.94 -19.57 3.72
N PHE B 27 -7.11 -20.46 3.20
CA PHE B 27 -6.56 -21.53 4.07
C PHE B 27 -5.63 -21.01 5.17
N GLU B 28 -4.94 -19.91 4.92
N GLU B 28 -4.93 -19.91 4.92
CA GLU B 28 -4.09 -19.31 5.92
CA GLU B 28 -4.07 -19.31 5.93
C GLU B 28 -4.92 -18.79 7.09
C GLU B 28 -4.91 -18.78 7.10
N VAL B 29 -5.97 -18.05 6.77
CA VAL B 29 -6.93 -17.59 7.78
C VAL B 29 -7.61 -18.74 8.52
N VAL B 30 -7.96 -19.79 7.79
CA VAL B 30 -8.62 -20.92 8.43
C VAL B 30 -7.69 -21.57 9.44
N ASP B 31 -6.41 -21.69 9.10
CA ASP B 31 -5.44 -22.29 10.02
C ASP B 31 -5.37 -21.53 11.36
N ASN B 32 -5.37 -20.21 11.27
CA ASN B 32 -5.38 -19.39 12.47
C ASN B 32 -6.68 -19.55 13.24
N ALA B 33 -7.82 -19.57 12.53
CA ALA B 33 -9.12 -19.75 13.19
C ALA B 33 -9.20 -21.07 13.94
N ILE B 34 -8.62 -22.12 13.36
CA ILE B 34 -8.63 -23.42 14.01
C ILE B 34 -7.76 -23.41 15.27
N ASP B 35 -6.58 -22.82 15.17
CA ASP B 35 -5.76 -22.59 16.37
C ASP B 35 -6.56 -21.91 17.50
N GLU B 36 -7.19 -20.77 17.20
CA GLU B 36 -8.02 -20.08 18.20
C GLU B 36 -9.12 -20.96 18.73
N ALA B 37 -9.76 -21.74 17.85
CA ALA B 37 -10.94 -22.49 18.22
C ALA B 37 -10.64 -23.63 19.18
N LEU B 38 -9.46 -24.23 19.05
CA LEU B 38 -9.05 -25.33 19.93
C LEU B 38 -8.97 -24.88 21.37
N ALA B 39 -8.45 -23.67 21.53
CA ALA B 39 -8.29 -23.05 22.85
C ALA B 39 -9.46 -23.33 23.78
N GLY B 40 -10.69 -23.12 23.30
CA GLY B 40 -11.90 -23.37 24.10
C GLY B 40 -12.48 -24.75 23.94
N HIS B 41 -13.64 -24.94 24.55
CA HIS B 41 -14.24 -26.26 24.68
C HIS B 41 -15.30 -26.49 23.59
N CYS B 42 -16.13 -25.47 23.35
CA CYS B 42 -17.18 -25.57 22.32
C CYS B 42 -16.64 -25.60 20.88
N LYS B 43 -15.66 -24.76 20.55
CA LYS B 43 -14.89 -24.90 19.31
C LYS B 43 -15.65 -24.95 17.97
N GLU B 44 -15.99 -23.77 17.44
CA GLU B 44 -16.60 -23.67 16.08
C GLU B 44 -16.00 -22.58 15.23
N ILE B 45 -15.77 -22.91 13.95
CA ILE B 45 -15.51 -21.92 12.93
C ILE B 45 -16.55 -21.95 11.81
N ILE B 46 -16.69 -20.80 11.17
CA ILE B 46 -17.65 -20.58 10.11
C ILE B 46 -16.95 -19.84 8.98
N VAL B 47 -16.93 -20.50 7.82
CA VAL B 47 -16.35 -19.95 6.61
C VAL B 47 -17.51 -19.59 5.69
N THR B 48 -17.54 -18.32 5.28
CA THR B 48 -18.58 -17.78 4.40
C THR B 48 -18.00 -17.10 3.16
N ILE B 49 -18.42 -17.60 1.99
CA ILE B 49 -18.16 -16.94 0.74
C ILE B 49 -19.31 -15.97 0.52
N HIS B 50 -19.00 -14.68 0.54
CA HIS B 50 -20.03 -13.66 0.36
C HIS B 50 -20.30 -13.46 -1.12
N ALA B 51 -21.39 -12.75 -1.41
CA ALA B 51 -21.83 -12.49 -2.78
C ALA B 51 -20.91 -11.54 -3.55
N ASP B 52 -20.20 -10.68 -2.83
CA ASP B 52 -19.19 -9.80 -3.44
C ASP B 52 -17.82 -10.48 -3.62
N ASN B 53 -17.78 -11.82 -3.55
CA ASN B 53 -16.56 -12.61 -3.55
C ASN B 53 -15.49 -12.20 -2.52
N SER B 54 -15.94 -11.69 -1.38
CA SER B 54 -15.13 -11.68 -0.18
C SER B 54 -15.38 -12.96 0.58
N VAL B 55 -14.45 -13.33 1.45
CA VAL B 55 -14.61 -14.45 2.37
C VAL B 55 -14.45 -13.98 3.81
N SER B 56 -15.34 -14.48 4.67
CA SER B 56 -15.21 -14.30 6.09
C SER B 56 -14.99 -15.62 6.82
N VAL B 57 -14.18 -15.55 7.84
CA VAL B 57 -13.92 -16.69 8.73
C VAL B 57 -14.18 -16.21 10.15
N GLN B 58 -15.14 -16.82 10.82
CA GLN B 58 -15.43 -16.53 12.23
C GLN B 58 -15.01 -17.72 13.08
N ASP B 59 -14.46 -17.42 14.24
CA ASP B 59 -14.24 -18.43 15.26
C ASP B 59 -14.80 -17.94 16.58
N ASP B 60 -15.08 -18.90 17.46
CA ASP B 60 -15.58 -18.59 18.80
C ASP B 60 -14.55 -18.81 19.90
N GLY B 61 -13.29 -18.54 19.56
CA GLY B 61 -12.19 -18.60 20.52
C GLY B 61 -12.17 -17.46 21.51
N ARG B 62 -11.01 -17.23 22.10
CA ARG B 62 -10.87 -16.23 23.17
C ARG B 62 -10.80 -14.80 22.64
N GLY B 63 -10.61 -14.65 21.33
CA GLY B 63 -10.38 -13.36 20.74
C GLY B 63 -8.90 -13.08 20.78
N ILE B 64 -8.34 -12.62 19.67
CA ILE B 64 -6.93 -12.24 19.66
C ILE B 64 -6.69 -11.03 20.55
N PRO B 65 -5.49 -10.93 21.14
CA PRO B 65 -5.29 -9.87 22.12
C PRO B 65 -5.42 -8.48 21.54
N THR B 66 -5.92 -7.58 22.36
CA THR B 66 -6.25 -6.21 21.92
C THR B 66 -5.43 -5.11 22.57
N GLY B 67 -4.80 -5.40 23.71
CA GLY B 67 -4.00 -4.42 24.40
C GLY B 67 -2.86 -3.84 23.58
N ILE B 68 -2.51 -2.60 23.88
CA ILE B 68 -1.39 -1.95 23.21
C ILE B 68 -0.10 -2.73 23.42
N HIS B 69 0.64 -2.93 22.34
CA HIS B 69 1.95 -3.60 22.39
C HIS B 69 3.00 -2.65 22.94
N PRO B 70 3.71 -3.03 24.03
CA PRO B 70 4.66 -2.07 24.59
C PRO B 70 5.71 -1.51 23.66
N GLU B 71 6.21 -2.31 22.71
CA GLU B 71 7.25 -1.86 21.78
C GLU B 71 6.71 -1.14 20.55
N GLU B 72 5.65 -1.69 19.96
CA GLU B 72 5.09 -1.21 18.72
C GLU B 72 4.14 -0.03 18.90
N GLY B 73 3.61 0.16 20.09
CA GLY B 73 2.75 1.29 20.37
C GLY B 73 1.39 1.29 19.68
N VAL B 74 0.92 0.12 19.26
CA VAL B 74 -0.42 -0.06 18.72
C VAL B 74 -0.95 -1.38 19.24
N SER B 75 -2.25 -1.61 19.05
CA SER B 75 -2.87 -2.83 19.56
C SER B 75 -2.11 -4.05 19.07
N ALA B 76 -2.07 -5.06 19.93
CA ALA B 76 -1.46 -6.32 19.61
C ALA B 76 -2.08 -6.93 18.36
N ALA B 77 -3.40 -6.84 18.24
CA ALA B 77 -4.11 -7.25 17.04
C ALA B 77 -3.55 -6.58 15.77
N GLU B 78 -3.33 -5.27 15.81
CA GLU B 78 -2.72 -4.59 14.67
C GLU B 78 -1.31 -5.14 14.38
N VAL B 79 -0.54 -5.40 15.42
CA VAL B 79 0.80 -5.98 15.23
C VAL B 79 0.69 -7.29 14.43
N ILE B 80 -0.20 -8.17 14.86
CA ILE B 80 -0.46 -9.43 14.15
C ILE B 80 -0.81 -9.24 12.68
N MET B 81 -1.58 -8.19 12.39
CA MET B 81 -2.05 -7.93 11.05
C MET B 81 -1.07 -7.24 10.13
N THR B 82 -0.03 -6.61 10.69
CA THR B 82 0.83 -5.72 9.88
C THR B 82 2.31 -6.00 9.98
N VAL B 83 2.70 -7.03 10.73
CA VAL B 83 4.10 -7.40 10.90
C VAL B 83 4.35 -8.83 10.39
N LEU B 84 5.36 -8.94 9.54
CA LEU B 84 5.73 -10.20 8.88
C LEU B 84 6.20 -11.28 9.86
N GLY B 103 2.40 -21.61 6.59
CA GLY B 103 2.32 -20.67 7.70
C GLY B 103 2.93 -19.32 7.33
N VAL B 104 2.40 -18.73 6.27
CA VAL B 104 2.89 -17.44 5.77
C VAL B 104 2.40 -16.26 6.62
N GLY B 105 1.44 -16.51 7.50
CA GLY B 105 0.95 -15.53 8.44
C GLY B 105 -0.21 -14.73 7.86
N VAL B 106 -1.06 -14.26 8.76
CA VAL B 106 -2.20 -13.46 8.37
C VAL B 106 -1.82 -12.07 7.83
N SER B 107 -0.66 -11.55 8.23
CA SER B 107 -0.19 -10.28 7.69
C SER B 107 -0.03 -10.28 6.16
N VAL B 108 0.36 -11.42 5.60
CA VAL B 108 0.40 -11.61 4.14
C VAL B 108 -0.97 -11.47 3.51
N VAL B 109 -1.96 -12.11 4.12
CA VAL B 109 -3.34 -12.04 3.63
C VAL B 109 -3.81 -10.60 3.62
N ASN B 110 -3.56 -9.90 4.73
CA ASN B 110 -3.89 -8.51 4.87
C ASN B 110 -3.23 -7.64 3.83
N ALA B 111 -1.94 -7.84 3.63
CA ALA B 111 -1.20 -7.07 2.63
C ALA B 111 -1.80 -7.23 1.24
N LEU B 112 -2.27 -8.43 0.93
CA LEU B 112 -2.80 -8.73 -0.40
C LEU B 112 -4.31 -8.64 -0.52
N SER B 113 -4.96 -8.00 0.45
CA SER B 113 -6.38 -7.75 0.40
C SER B 113 -6.66 -6.26 0.20
N GLN B 114 -7.47 -5.93 -0.79
CA GLN B 114 -7.86 -4.53 -0.98
C GLN B 114 -8.74 -4.01 0.16
N LYS B 115 -9.41 -4.93 0.85
CA LYS B 115 -10.05 -4.60 2.10
C LYS B 115 -10.01 -5.79 3.06
N LEU B 116 -9.87 -5.49 4.34
CA LEU B 116 -10.03 -6.50 5.36
C LEU B 116 -10.69 -5.89 6.58
N GLU B 117 -11.66 -6.62 7.10
CA GLU B 117 -12.41 -6.19 8.26
C GLU B 117 -12.09 -7.15 9.40
N LEU B 118 -11.77 -6.58 10.55
CA LEU B 118 -11.45 -7.36 11.74
C LEU B 118 -12.40 -7.02 12.87
N VAL B 119 -13.01 -8.05 13.45
CA VAL B 119 -13.90 -7.91 14.59
C VAL B 119 -13.51 -8.91 15.68
N ILE B 120 -13.10 -8.39 16.83
CA ILE B 120 -12.69 -9.17 17.98
C ILE B 120 -13.65 -8.94 19.14
N GLN B 121 -14.25 -10.03 19.62
CA GLN B 121 -15.06 -10.00 20.81
C GLN B 121 -14.28 -10.62 21.93
N ARG B 122 -14.05 -9.82 22.97
CA ARG B 122 -13.17 -10.22 24.05
C ARG B 122 -13.41 -9.32 25.25
N GLU B 123 -13.48 -9.93 26.43
CA GLU B 123 -13.68 -9.22 27.69
C GLU B 123 -14.92 -8.35 27.73
N GLY B 124 -16.03 -8.89 27.23
CA GLY B 124 -17.28 -8.13 27.17
C GLY B 124 -17.36 -7.02 26.12
N LYS B 125 -16.32 -6.89 25.28
CA LYS B 125 -16.28 -5.82 24.27
C LYS B 125 -16.07 -6.26 22.85
N ILE B 126 -16.70 -5.52 21.96
CA ILE B 126 -16.54 -5.64 20.53
C ILE B 126 -15.48 -4.66 20.09
N HIS B 127 -14.47 -5.17 19.39
CA HIS B 127 -13.44 -4.36 18.81
C HIS B 127 -13.49 -4.48 17.30
N ARG B 128 -13.37 -3.35 16.60
CA ARG B 128 -13.44 -3.36 15.16
C ARG B 128 -12.31 -2.57 14.55
N GLN B 129 -11.84 -3.03 13.40
CA GLN B 129 -10.84 -2.31 12.64
C GLN B 129 -10.94 -2.65 11.17
N ILE B 130 -10.63 -1.68 10.32
CA ILE B 130 -10.67 -1.85 8.86
C ILE B 130 -9.28 -1.56 8.28
N TYR B 131 -8.88 -2.40 7.34
CA TYR B 131 -7.65 -2.26 6.59
C TYR B 131 -7.93 -2.16 5.09
N GLU B 132 -7.08 -1.44 4.39
CA GLU B 132 -7.06 -1.49 2.91
C GLU B 132 -5.65 -1.67 2.46
N HIS B 133 -5.42 -2.72 1.67
CA HIS B 133 -4.07 -3.16 1.26
C HIS B 133 -3.11 -3.22 2.42
N GLY B 134 -3.60 -3.72 3.56
CA GLY B 134 -2.77 -3.87 4.76
C GLY B 134 -2.56 -2.62 5.61
N VAL B 135 -3.09 -1.48 5.17
CA VAL B 135 -2.98 -0.21 5.89
C VAL B 135 -4.19 -0.03 6.81
N PRO B 136 -3.94 0.07 8.13
CA PRO B 136 -5.13 0.28 8.97
C PRO B 136 -5.73 1.66 8.76
N GLN B 137 -7.05 1.72 8.63
CA GLN B 137 -7.74 2.98 8.37
C GLN B 137 -7.90 3.80 9.64
N ALA B 138 -7.87 3.12 10.77
CA ALA B 138 -7.96 3.74 12.06
C ALA B 138 -7.48 2.76 13.11
N PRO B 139 -7.18 3.24 14.32
CA PRO B 139 -6.80 2.33 15.38
C PRO B 139 -7.92 1.40 15.76
N LEU B 140 -7.56 0.20 16.22
CA LEU B 140 -8.51 -0.72 16.79
C LEU B 140 -9.37 -0.02 17.83
N ALA B 141 -10.69 -0.13 17.68
CA ALA B 141 -11.65 0.61 18.51
C ALA B 141 -12.69 -0.27 19.17
N VAL B 142 -13.00 0.04 20.42
CA VAL B 142 -14.12 -0.60 21.10
C VAL B 142 -15.37 0.15 20.67
N THR B 143 -16.27 -0.58 20.02
CA THR B 143 -17.49 -0.01 19.48
C THR B 143 -18.75 -0.49 20.18
N GLY B 144 -18.64 -1.50 21.03
CA GLY B 144 -19.79 -1.97 21.78
C GLY B 144 -19.52 -3.07 22.77
N GLU B 145 -20.61 -3.69 23.19
CA GLU B 145 -20.57 -4.75 24.18
C GLU B 145 -21.04 -6.11 23.64
N THR B 146 -20.65 -7.15 24.36
CA THR B 146 -20.94 -8.52 23.96
C THR B 146 -20.71 -9.48 25.12
N GLU B 147 -21.46 -10.57 25.13
CA GLU B 147 -21.21 -11.68 26.06
C GLU B 147 -20.51 -12.84 25.36
N LYS B 148 -20.24 -12.72 24.06
CA LYS B 148 -19.55 -13.75 23.31
C LYS B 148 -18.09 -13.44 23.21
N THR B 149 -17.33 -14.44 22.77
CA THR B 149 -15.91 -14.23 22.48
C THR B 149 -15.57 -14.83 21.11
N GLY B 150 -14.53 -14.28 20.50
CA GLY B 150 -14.03 -14.78 19.23
C GLY B 150 -13.43 -13.71 18.32
N THR B 151 -13.00 -14.18 17.16
CA THR B 151 -12.34 -13.38 16.15
C THR B 151 -12.93 -13.68 14.79
N MET B 152 -13.27 -12.60 14.09
CA MET B 152 -13.80 -12.64 12.74
C MET B 152 -12.89 -11.81 11.84
N VAL B 153 -12.49 -12.41 10.72
CA VAL B 153 -11.77 -11.71 9.68
C VAL B 153 -12.56 -11.86 8.41
N ARG B 154 -12.75 -10.75 7.69
CA ARG B 154 -13.39 -10.78 6.37
C ARG B 154 -12.49 -10.03 5.43
N PHE B 155 -12.13 -10.66 4.31
CA PHE B 155 -11.25 -10.02 3.38
C PHE B 155 -11.74 -10.10 1.96
N TRP B 156 -11.42 -9.02 1.23
CA TRP B 156 -11.69 -8.84 -0.18
C TRP B 156 -10.33 -8.95 -0.85
N PRO B 157 -10.07 -10.05 -1.58
CA PRO B 157 -8.72 -10.12 -2.16
C PRO B 157 -8.43 -9.02 -3.19
N SER B 158 -7.17 -8.58 -3.24
CA SER B 158 -6.85 -7.44 -4.08
C SER B 158 -6.87 -7.86 -5.55
N LEU B 159 -7.71 -7.18 -6.32
CA LEU B 159 -7.78 -7.41 -7.76
C LEU B 159 -6.60 -6.82 -8.51
N GLU B 160 -5.78 -6.02 -7.83
CA GLU B 160 -4.50 -5.60 -8.38
C GLU B 160 -3.45 -6.70 -8.33
N THR B 161 -3.61 -7.65 -7.41
CA THR B 161 -2.67 -8.78 -7.27
C THR B 161 -3.21 -10.03 -7.94
N PHE B 162 -4.45 -10.38 -7.63
CA PHE B 162 -5.02 -11.63 -8.11
C PHE B 162 -5.75 -11.43 -9.43
N THR B 163 -5.23 -12.10 -10.46
CA THR B 163 -5.72 -11.98 -11.82
C THR B 163 -6.25 -13.31 -12.33
N ASN B 164 -7.03 -13.23 -13.41
CA ASN B 164 -7.53 -14.40 -14.13
C ASN B 164 -8.57 -15.15 -13.30
N VAL B 165 -8.12 -15.89 -12.29
CA VAL B 165 -9.03 -16.53 -11.35
C VAL B 165 -9.20 -15.58 -10.18
N THR B 166 -10.38 -14.96 -10.09
CA THR B 166 -10.66 -13.99 -9.04
C THR B 166 -11.83 -14.34 -8.14
N GLU B 167 -12.49 -15.46 -8.40
CA GLU B 167 -13.64 -15.89 -7.60
C GLU B 167 -13.34 -17.22 -6.91
N PHE B 168 -13.86 -17.35 -5.69
CA PHE B 168 -13.64 -18.54 -4.88
C PHE B 168 -14.52 -19.69 -5.38
N GLU B 169 -13.93 -20.87 -5.45
CA GLU B 169 -14.55 -22.11 -5.86
C GLU B 169 -14.94 -22.90 -4.62
N TYR B 170 -16.25 -23.07 -4.42
CA TYR B 170 -16.80 -23.78 -3.28
C TYR B 170 -16.12 -25.13 -3.03
N GLU B 171 -16.05 -25.96 -4.06
CA GLU B 171 -15.56 -27.34 -3.95
C GLU B 171 -14.11 -27.41 -3.45
N ILE B 172 -13.28 -26.44 -3.86
CA ILE B 172 -11.92 -26.34 -3.36
C ILE B 172 -11.93 -26.12 -1.84
N LEU B 173 -12.78 -25.23 -1.37
CA LEU B 173 -12.89 -24.99 0.08
C LEU B 173 -13.47 -26.20 0.83
N ALA B 174 -14.55 -26.77 0.29
CA ALA B 174 -15.26 -27.88 0.94
C ALA B 174 -14.38 -29.12 1.11
N LYS B 175 -13.64 -29.44 0.05
CA LYS B 175 -12.73 -30.60 0.05
C LYS B 175 -11.67 -30.49 1.13
N ARG B 176 -11.08 -29.32 1.26
CA ARG B 176 -10.01 -29.10 2.21
C ARG B 176 -10.55 -29.04 3.64
N LEU B 177 -11.62 -28.29 3.85
CA LEU B 177 -12.22 -28.18 5.17
C LEU B 177 -12.65 -29.56 5.73
N ARG B 178 -13.12 -30.43 4.85
CA ARG B 178 -13.41 -31.80 5.20
C ARG B 178 -12.15 -32.57 5.62
N GLU B 179 -11.08 -32.49 4.85
CA GLU B 179 -9.78 -33.08 5.27
C GLU B 179 -9.33 -32.50 6.61
N LEU B 180 -9.51 -31.19 6.82
CA LEU B 180 -9.08 -30.54 8.05
C LEU B 180 -9.82 -31.08 9.26
N SER B 181 -11.12 -31.35 9.09
CA SER B 181 -11.95 -31.76 10.24
C SER B 181 -11.49 -33.05 10.90
N PHE B 182 -11.01 -34.01 10.12
CA PHE B 182 -10.47 -35.26 10.66
C PHE B 182 -9.16 -35.10 11.44
N LEU B 183 -8.43 -34.02 11.19
CA LEU B 183 -7.23 -33.71 11.97
C LEU B 183 -7.47 -32.85 13.20
N ASN B 184 -8.66 -32.26 13.30
CA ASN B 184 -9.02 -31.35 14.37
C ASN B 184 -10.28 -31.80 15.09
N SER B 185 -10.11 -32.83 15.92
CA SER B 185 -11.22 -33.48 16.61
C SER B 185 -12.01 -32.53 17.51
N GLY B 186 -13.32 -32.58 17.36
CA GLY B 186 -14.20 -31.73 18.15
C GLY B 186 -14.34 -30.31 17.65
N VAL B 187 -13.72 -29.96 16.52
CA VAL B 187 -13.90 -28.62 15.95
C VAL B 187 -14.99 -28.67 14.90
N SER B 188 -16.08 -27.95 15.16
CA SER B 188 -17.14 -27.80 14.20
C SER B 188 -16.72 -26.80 13.14
N ILE B 189 -16.74 -27.21 11.88
CA ILE B 189 -16.44 -26.31 10.75
C ILE B 189 -17.66 -26.20 9.85
N ARG B 190 -18.17 -24.98 9.70
CA ARG B 190 -19.29 -24.74 8.78
C ARG B 190 -18.84 -23.93 7.59
N LEU B 191 -19.36 -24.30 6.42
CA LEU B 191 -19.09 -23.58 5.18
C LEU B 191 -20.39 -23.18 4.55
N ARG B 192 -20.47 -21.92 4.13
CA ARG B 192 -21.66 -21.31 3.56
C ARG B 192 -21.29 -20.47 2.36
N ASP B 193 -21.98 -20.72 1.26
CA ASP B 193 -21.87 -19.94 0.07
C ASP B 193 -23.12 -19.09 -0.03
N LYS B 194 -22.98 -17.80 0.21
CA LYS B 194 -24.11 -16.88 0.06
C LYS B 194 -24.50 -16.57 -1.39
N ARG B 195 -23.67 -16.99 -2.35
CA ARG B 195 -24.01 -16.81 -3.75
C ARG B 195 -25.16 -17.75 -4.19
N ASP B 196 -25.15 -19.01 -3.74
CA ASP B 196 -26.21 -19.95 -4.11
C ASP B 196 -26.89 -20.65 -2.94
N GLY B 197 -26.54 -20.26 -1.72
CA GLY B 197 -27.12 -20.88 -0.54
C GLY B 197 -26.62 -22.26 -0.18
N LYS B 198 -25.60 -22.78 -0.89
CA LYS B 198 -25.01 -24.07 -0.53
C LYS B 198 -24.33 -23.98 0.85
N GLU B 199 -24.35 -25.09 1.57
CA GLU B 199 -23.83 -25.19 2.92
C GLU B 199 -23.31 -26.58 3.23
N ASP B 200 -22.31 -26.65 4.10
CA ASP B 200 -21.81 -27.91 4.61
C ASP B 200 -21.42 -27.75 6.07
N HIS B 201 -21.41 -28.87 6.77
CA HIS B 201 -21.01 -28.92 8.16
C HIS B 201 -20.12 -30.14 8.35
N PHE B 202 -18.84 -29.90 8.61
CA PHE B 202 -17.87 -30.94 8.88
C PHE B 202 -17.52 -30.88 10.35
N HIS B 203 -17.79 -31.96 11.08
CA HIS B 203 -17.52 -32.02 12.48
C HIS B 203 -17.13 -33.41 12.87
N TYR B 204 -15.86 -33.64 13.12
CA TYR B 204 -15.34 -34.95 13.46
C TYR B 204 -15.16 -35.05 14.95
N GLU B 205 -15.76 -36.05 15.56
CA GLU B 205 -15.75 -36.13 17.01
C GLU B 205 -14.79 -37.13 17.62
N GLY B 206 -13.98 -37.75 16.78
CA GLY B 206 -12.91 -38.66 17.17
C GLY B 206 -11.93 -38.28 18.24
#